data_5EDT
#
_entry.id   5EDT
#
_cell.length_a   77.000
_cell.length_b   77.000
_cell.length_c   263.000
_cell.angle_alpha   90.00
_cell.angle_beta   90.00
_cell.angle_gamma   120.00
#
_symmetry.space_group_name_H-M   'P 65 2 2'
#
loop_
_entity.id
_entity.type
_entity.pdbx_description
1 polymer 'Cytochrome P450 121'
2 non-polymer 'PROTOPORPHYRIN IX CONTAINING FE'
3 non-polymer 2-azanyl-5-chloranyl-benzamide
4 non-polymer 'SULFATE ION'
5 water water
#
_entity_poly.entity_id   1
_entity_poly.type   'polypeptide(L)'
_entity_poly.pdbx_seq_one_letter_code
;TATVLLEVPFSARGDRIPDAVAELRTREPIRKVRTITGAEAWLVSSYALCTQVLEDRRFSMKETAAAGAPRLNALTVPPE
VVNNMGNIADAGLRKAVMKAITPKAPGLEQFLRDTANSLLDNLITEGAPADLRNDFADPLATALHCKVLGIPQEDGPKLF
RSLSIAFMSSADPIPAAKINWDRDIEYMAGILENPNITTGLMGELSRLRKDPAYSHVSDELFATIGVTFFGAGVISTGSF
LTTALISLIQRPQLRNLLHEKPELIPAGVEELLRINLSFADGLPRLATADIQVGDVLVRKGELVLVLLEGANFDPEHFPN
PGSIELDRPNPTSHLAFGRGQHFCPGSALGRRHAQIGIEALLKKMPGVDLAVPIDQLVWRTRFQRRIPERLPVLW
;
_entity_poly.pdbx_strand_id   A
#
loop_
_chem_comp.id
_chem_comp.type
_chem_comp.name
_chem_comp.formula
5MK non-polymer 2-azanyl-5-chloranyl-benzamide 'C7 H7 Cl N2 O'
HEM non-polymer 'PROTOPORPHYRIN IX CONTAINING FE' 'C34 H32 Fe N4 O4'
SO4 non-polymer 'SULFATE ION' 'O4 S -2'
#
# COMPACT_ATOMS: atom_id res chain seq x y z
C THR A 1 16.40 7.44 33.15
N ALA A 2 17.33 6.51 32.92
CA ALA A 2 17.88 6.22 31.56
C ALA A 2 16.82 5.62 30.63
N THR A 3 16.96 5.84 29.33
CA THR A 3 15.93 5.36 28.39
C THR A 3 16.52 4.64 27.19
N VAL A 4 15.86 3.56 26.74
CA VAL A 4 16.27 2.91 25.49
C VAL A 4 16.16 3.92 24.33
N LEU A 5 16.96 3.70 23.29
CA LEU A 5 16.82 4.37 22.03
C LEU A 5 15.32 4.31 21.63
N LEU A 6 14.82 5.40 21.06
CA LEU A 6 13.44 5.51 20.59
C LEU A 6 13.11 4.36 19.66
N GLU A 7 12.02 3.66 19.96
CA GLU A 7 11.59 2.52 19.15
C GLU A 7 10.54 2.89 18.08
N VAL A 8 10.60 2.22 16.94
CA VAL A 8 9.59 2.36 15.91
C VAL A 8 9.02 0.97 15.64
N PRO A 9 7.76 0.88 15.22
CA PRO A 9 6.83 1.97 14.95
C PRO A 9 6.28 2.65 16.21
N PHE A 10 5.86 3.91 16.11
CA PHE A 10 5.26 4.62 17.28
C PHE A 10 3.90 4.09 17.67
N SER A 11 3.02 3.80 16.70
CA SER A 11 1.65 3.39 17.00
C SER A 11 0.97 2.69 15.84
N ALA A 12 0.24 1.60 16.13
CA ALA A 12 -0.46 0.88 15.08
C ALA A 12 -1.68 1.65 14.63
N ARG A 13 -2.12 2.66 15.39
CA ARG A 13 -3.36 3.37 15.06
C ARG A 13 -3.24 4.07 13.70
N GLY A 14 -4.21 3.83 12.80
CA GLY A 14 -4.24 4.54 11.52
C GLY A 14 -5.32 5.61 11.37
N ASP A 15 -5.93 6.01 12.49
CA ASP A 15 -6.94 7.07 12.55
C ASP A 15 -6.35 8.34 13.20
N ARG A 16 -5.14 8.28 13.77
CA ARG A 16 -4.46 9.49 14.22
C ARG A 16 -2.94 9.44 14.17
N ILE A 17 -2.35 10.53 13.68
CA ILE A 17 -0.90 10.68 13.72
C ILE A 17 -0.42 11.04 15.15
N PRO A 18 0.53 10.26 15.73
CA PRO A 18 0.98 10.66 17.07
C PRO A 18 1.57 12.09 17.09
N ASP A 19 1.50 12.77 18.24
CA ASP A 19 2.04 14.13 18.38
C ASP A 19 3.51 14.09 18.23
N ALA A 20 4.08 12.94 18.58
CA ALA A 20 5.53 12.70 18.46
C ALA A 20 6.10 12.94 17.06
N VAL A 21 5.31 12.69 16.01
CA VAL A 21 5.82 12.90 14.66
C VAL A 21 6.24 14.36 14.41
N ALA A 22 5.36 15.34 14.69
CA ALA A 22 5.65 16.78 14.59
C ALA A 22 6.84 17.20 15.44
N GLU A 23 6.92 16.69 16.68
CA GLU A 23 7.99 16.99 17.62
C GLU A 23 9.32 16.56 16.99
N LEU A 24 9.32 15.33 16.47
CA LEU A 24 10.45 14.73 15.78
C LEU A 24 10.85 15.54 14.54
N ARG A 25 9.88 15.87 13.70
CA ARG A 25 10.14 16.62 12.46
C ARG A 25 10.73 18.01 12.72
N THR A 26 10.25 18.66 13.77
CA THR A 26 10.76 20.01 14.15
C THR A 26 12.15 19.96 14.78
N ARG A 27 12.36 19.10 15.76
CA ARG A 27 13.61 19.03 16.52
C ARG A 27 14.65 18.15 15.80
N GLU A 28 14.20 17.09 15.12
CA GLU A 28 15.16 16.10 14.59
C GLU A 28 14.68 15.38 13.33
N PRO A 29 14.61 16.08 12.19
CA PRO A 29 13.99 15.51 11.02
C PRO A 29 14.72 14.27 10.52
N ILE A 30 15.91 14.01 11.05
CA ILE A 30 16.55 12.72 10.88
C ILE A 30 17.12 12.28 12.22
N ARG A 31 16.54 11.24 12.81
CA ARG A 31 17.14 10.73 14.02
C ARG A 31 17.22 9.22 14.10
N LYS A 32 18.06 8.78 15.04
CA LYS A 32 18.37 7.38 15.16
C LYS A 32 17.20 6.81 15.91
N VAL A 33 16.68 5.68 15.42
CA VAL A 33 15.70 4.87 16.18
C VAL A 33 16.16 3.39 16.24
N ARG A 34 15.36 2.55 16.87
CA ARG A 34 15.59 1.11 16.90
C ARG A 34 14.39 0.41 16.34
N THR A 35 14.61 -0.57 15.48
CA THR A 35 13.51 -1.29 14.83
C THR A 35 13.20 -2.54 15.65
N ILE A 36 12.12 -3.22 15.26
CA ILE A 36 11.70 -4.39 15.96
C ILE A 36 12.74 -5.53 15.99
N THR A 37 13.68 -5.56 15.04
CA THR A 37 14.72 -6.55 15.07
C THR A 37 15.88 -6.23 16.01
N GLY A 38 15.85 -5.04 16.59
CA GLY A 38 16.94 -4.58 17.45
C GLY A 38 17.99 -3.81 16.66
N ALA A 39 17.87 -3.77 15.32
CA ALA A 39 18.77 -2.94 14.52
C ALA A 39 18.56 -1.44 14.73
N GLU A 40 19.62 -0.68 14.54
CA GLU A 40 19.49 0.79 14.55
C GLU A 40 19.21 1.26 13.14
N ALA A 41 18.46 2.33 13.03
CA ALA A 41 18.19 2.93 11.73
C ALA A 41 18.06 4.46 11.87
N TRP A 42 18.10 5.20 10.75
CA TRP A 42 17.73 6.60 10.74
C TRP A 42 16.29 6.80 10.31
N LEU A 43 15.47 7.42 11.18
CA LEU A 43 14.09 7.90 10.83
C LEU A 43 14.12 9.33 10.21
N VAL A 44 13.68 9.45 8.97
CA VAL A 44 13.57 10.72 8.29
C VAL A 44 12.12 11.14 8.27
N SER A 45 11.79 12.27 8.88
CA SER A 45 10.39 12.70 8.98
C SER A 45 10.00 14.07 8.44
N SER A 46 10.84 14.73 7.63
CA SER A 46 10.45 15.99 7.01
C SER A 46 10.32 15.71 5.57
N TYR A 47 9.43 16.46 4.93
CA TYR A 47 9.27 16.34 3.49
C TYR A 47 10.61 16.40 2.70
N ALA A 48 11.40 17.41 2.99
CA ALA A 48 12.63 17.73 2.28
C ALA A 48 13.58 16.53 2.42
N LEU A 49 13.75 16.01 3.64
CA LEU A 49 14.67 14.90 3.78
C LEU A 49 14.06 13.57 3.26
N CYS A 50 12.74 13.39 3.32
CA CYS A 50 12.17 12.16 2.79
C CYS A 50 12.39 12.09 1.29
N THR A 51 12.19 13.26 0.68
CA THR A 51 12.29 13.47 -0.77
C THR A 51 13.69 13.25 -1.21
N GLN A 52 14.66 13.80 -0.48
CA GLN A 52 16.06 13.57 -0.79
C GLN A 52 16.44 12.07 -0.76
N VAL A 53 16.03 11.35 0.29
CA VAL A 53 16.41 9.94 0.43
C VAL A 53 15.72 9.14 -0.67
N LEU A 54 14.43 9.38 -0.92
CA LEU A 54 13.76 8.61 -1.99
C LEU A 54 14.33 8.86 -3.38
N GLU A 55 14.95 10.02 -3.60
CA GLU A 55 15.44 10.38 -4.95
C GLU A 55 16.89 10.06 -5.15
N ASP A 56 17.54 9.55 -4.11
CA ASP A 56 18.97 9.34 -4.23
C ASP A 56 19.15 7.83 -4.20
N ARG A 57 19.46 7.24 -5.38
CA ARG A 57 19.41 5.79 -5.53
C ARG A 57 20.56 5.13 -4.78
N ARG A 58 21.57 5.92 -4.39
CA ARG A 58 22.58 5.40 -3.49
C ARG A 58 21.99 4.88 -2.16
N PHE A 59 20.81 5.39 -1.73
CA PHE A 59 19.95 4.77 -0.72
C PHE A 59 19.18 3.70 -1.45
N SER A 60 19.69 2.48 -1.38
CA SER A 60 19.23 1.38 -2.23
C SER A 60 18.09 0.58 -1.56
N MET A 61 17.06 0.22 -2.31
CA MET A 61 16.04 -0.71 -1.79
C MET A 61 16.60 -2.14 -1.85
N LYS A 62 17.19 -2.46 -3.01
CA LYS A 62 17.82 -3.73 -3.25
C LYS A 62 18.70 -4.18 -2.07
N GLU A 63 19.59 -3.30 -1.62
CA GLU A 63 20.61 -3.66 -0.65
C GLU A 63 20.04 -3.94 0.72
N THR A 64 18.83 -3.48 1.02
CA THR A 64 18.18 -3.87 2.30
C THR A 64 18.12 -5.37 2.48
N ALA A 65 18.11 -6.11 1.37
CA ALA A 65 17.98 -7.55 1.40
C ALA A 65 19.37 -8.24 1.62
N ALA A 66 20.44 -7.46 1.77
CA ALA A 66 21.78 -8.05 1.88
C ALA A 66 21.92 -8.86 3.19
N ALA A 67 22.44 -10.07 3.09
CA ALA A 67 22.81 -10.79 4.32
C ALA A 67 23.59 -9.87 5.31
N GLY A 68 23.17 -9.85 6.58
CA GLY A 68 23.89 -9.11 7.63
C GLY A 68 23.63 -7.60 7.70
N ALA A 69 22.70 -7.10 6.88
CA ALA A 69 22.32 -5.72 6.91
C ALA A 69 21.48 -5.39 8.15
N PRO A 70 21.57 -4.15 8.66
CA PRO A 70 20.58 -3.82 9.72
C PRO A 70 19.20 -3.93 9.10
N ARG A 71 18.25 -4.55 9.82
CA ARG A 71 16.93 -4.79 9.23
C ARG A 71 15.75 -4.10 9.97
N LEU A 72 14.82 -3.57 9.20
CA LEU A 72 13.53 -3.12 9.73
C LEU A 72 12.72 -4.31 10.27
N ASN A 73 12.57 -5.34 9.43
CA ASN A 73 11.79 -6.49 9.74
C ASN A 73 12.36 -7.62 8.88
N ALA A 74 11.93 -8.87 9.14
CA ALA A 74 12.39 -10.04 8.41
C ALA A 74 11.80 -10.12 7.03
N LEU A 75 12.54 -10.68 6.08
CA LEU A 75 12.02 -10.93 4.76
C LEU A 75 10.88 -11.93 4.81
N THR A 76 9.79 -11.59 4.13
CA THR A 76 8.66 -12.49 3.93
C THR A 76 8.67 -13.04 2.51
N VAL A 77 9.74 -12.70 1.77
CA VAL A 77 9.99 -13.13 0.40
C VAL A 77 11.43 -13.60 0.21
N PRO A 78 11.67 -14.44 -0.81
CA PRO A 78 13.11 -14.71 -1.20
C PRO A 78 13.84 -13.38 -1.45
N PRO A 79 15.17 -13.31 -1.13
CA PRO A 79 15.90 -12.07 -1.15
C PRO A 79 15.91 -11.41 -2.51
N GLU A 80 15.93 -12.19 -3.58
CA GLU A 80 15.93 -11.61 -4.92
C GLU A 80 14.64 -10.88 -5.28
N VAL A 81 13.53 -11.18 -4.57
CA VAL A 81 12.21 -10.56 -4.84
C VAL A 81 12.13 -9.10 -4.33
N VAL A 82 12.98 -8.73 -3.38
CA VAL A 82 13.06 -7.33 -2.97
C VAL A 82 13.48 -6.42 -4.15
N ASN A 83 14.34 -6.96 -5.02
CA ASN A 83 14.65 -6.33 -6.29
C ASN A 83 13.61 -6.59 -7.40
N ASN A 84 12.38 -6.95 -7.01
CA ASN A 84 11.31 -7.22 -7.96
C ASN A 84 11.31 -6.31 -9.21
N MET A 85 11.28 -5.01 -9.05
CA MET A 85 11.09 -4.15 -10.21
C MET A 85 12.29 -4.04 -11.14
N GLY A 86 13.50 -4.03 -10.55
CA GLY A 86 14.75 -4.26 -11.26
C GLY A 86 14.79 -5.60 -12.02
N ASN A 87 14.29 -6.69 -11.43
CA ASN A 87 14.22 -7.99 -12.15
C ASN A 87 13.26 -7.97 -13.33
N ILE A 88 12.14 -7.25 -13.16
CA ILE A 88 11.13 -7.07 -14.18
C ILE A 88 11.70 -6.19 -15.31
N ALA A 89 12.32 -5.06 -14.93
CA ALA A 89 13.06 -4.22 -15.88
C ALA A 89 14.07 -5.02 -16.71
N ASP A 90 14.96 -5.75 -16.06
CA ASP A 90 15.95 -6.54 -16.79
C ASP A 90 15.32 -7.55 -17.79
N ALA A 91 14.14 -8.08 -17.48
CA ALA A 91 13.63 -9.11 -18.34
C ALA A 91 12.82 -8.50 -19.50
N GLY A 92 12.76 -7.16 -19.55
CA GLY A 92 12.02 -6.42 -20.59
C GLY A 92 10.51 -6.42 -20.38
N LEU A 93 10.07 -6.67 -19.15
CA LEU A 93 8.65 -6.84 -18.86
C LEU A 93 7.97 -5.61 -18.23
N ARG A 94 8.74 -4.56 -18.03
CA ARG A 94 8.29 -3.33 -17.37
C ARG A 94 7.14 -2.65 -18.13
N LYS A 95 7.34 -2.35 -19.41
CA LYS A 95 6.28 -1.69 -20.18
C LYS A 95 5.02 -2.54 -20.21
N ALA A 96 5.18 -3.85 -20.35
CA ALA A 96 4.01 -4.74 -20.45
C ALA A 96 3.25 -4.86 -19.12
N VAL A 97 3.99 -4.97 -18.03
CA VAL A 97 3.37 -5.08 -16.73
C VAL A 97 2.56 -3.81 -16.45
N MET A 98 3.15 -2.65 -16.68
CA MET A 98 2.47 -1.41 -16.35
C MET A 98 1.23 -1.11 -17.17
N LYS A 99 1.27 -1.48 -18.46
CA LYS A 99 0.14 -1.24 -19.36
C LYS A 99 -1.01 -2.17 -18.94
N ALA A 100 -0.65 -3.34 -18.42
CA ALA A 100 -1.65 -4.30 -17.98
C ALA A 100 -2.34 -3.87 -16.70
N ILE A 101 -1.72 -3.00 -15.90
CA ILE A 101 -2.31 -2.55 -14.64
C ILE A 101 -2.83 -1.10 -14.59
N THR A 102 -3.24 -0.52 -15.73
CA THR A 102 -3.99 0.79 -15.73
C THR A 102 -5.48 0.61 -15.49
N PRO A 103 -6.13 1.56 -14.76
CA PRO A 103 -7.58 1.46 -14.58
C PRO A 103 -8.29 1.84 -15.87
N LYS A 104 -7.48 2.04 -16.92
CA LYS A 104 -7.91 2.46 -18.25
C LYS A 104 -8.38 1.26 -19.13
N ALA A 105 -8.04 0.02 -18.77
CA ALA A 105 -8.56 -1.16 -19.47
C ALA A 105 -10.09 -1.04 -19.71
N PRO A 106 -10.59 -1.48 -20.90
CA PRO A 106 -12.04 -1.39 -21.24
C PRO A 106 -12.93 -2.18 -20.26
N GLY A 107 -13.97 -1.51 -19.75
CA GLY A 107 -14.92 -2.14 -18.82
C GLY A 107 -14.42 -2.50 -17.42
N LEU A 108 -13.19 -2.11 -17.09
CA LEU A 108 -12.64 -2.33 -15.75
C LEU A 108 -13.36 -1.43 -14.71
N GLU A 109 -13.59 -0.17 -15.05
CA GLU A 109 -14.26 0.76 -14.16
C GLU A 109 -15.72 0.35 -13.92
N GLN A 110 -16.38 -0.09 -14.98
CA GLN A 110 -17.74 -0.60 -14.84
C GLN A 110 -17.72 -1.85 -13.97
N PHE A 111 -16.60 -2.56 -14.03
CA PHE A 111 -16.50 -3.74 -13.19
C PHE A 111 -16.40 -3.35 -11.72
N LEU A 112 -15.52 -2.42 -11.40
CA LEU A 112 -15.44 -1.90 -10.05
C LEU A 112 -16.75 -1.35 -9.56
N ARG A 113 -17.35 -0.48 -10.37
CA ARG A 113 -18.63 0.11 -9.96
C ARG A 113 -19.70 -1.00 -9.65
N ASP A 114 -19.90 -1.93 -10.59
CA ASP A 114 -20.85 -3.01 -10.37
C ASP A 114 -20.53 -3.81 -9.09
N THR A 115 -19.26 -4.18 -8.94
CA THR A 115 -18.81 -4.93 -7.78
C THR A 115 -19.04 -4.16 -6.45
N ALA A 116 -18.67 -2.88 -6.42
CA ALA A 116 -18.86 -2.04 -5.22
C ALA A 116 -20.36 -1.95 -4.90
N ASN A 117 -21.18 -1.69 -5.92
CA ASN A 117 -22.64 -1.64 -5.72
C ASN A 117 -23.20 -2.93 -5.18
N SER A 118 -22.76 -4.04 -5.74
CA SER A 118 -23.31 -5.31 -5.36
C SER A 118 -22.90 -5.70 -3.90
N LEU A 119 -21.63 -5.47 -3.55
CA LEU A 119 -21.13 -5.62 -2.14
C LEU A 119 -21.95 -4.75 -1.18
N LEU A 120 -22.23 -3.52 -1.58
CA LEU A 120 -23.03 -2.61 -0.81
C LEU A 120 -24.53 -3.00 -0.71
N ASP A 121 -25.18 -3.31 -1.85
CA ASP A 121 -26.55 -3.81 -1.78
C ASP A 121 -26.62 -4.93 -0.77
N ASN A 122 -25.66 -5.86 -0.81
CA ASN A 122 -25.70 -6.97 0.16
C ASN A 122 -25.61 -6.53 1.61
N LEU A 123 -24.69 -5.62 1.93
CA LEU A 123 -24.59 -5.09 3.29
C LEU A 123 -25.97 -4.55 3.75
N ILE A 124 -26.60 -3.77 2.86
CA ILE A 124 -27.86 -3.12 3.14
C ILE A 124 -28.94 -4.15 3.34
N THR A 125 -28.89 -5.22 2.55
CA THR A 125 -29.91 -6.24 2.69
C THR A 125 -29.74 -6.94 4.02
N GLU A 126 -28.50 -7.31 4.38
CA GLU A 126 -28.32 -7.97 5.67
C GLU A 126 -28.67 -7.08 6.91
N GLY A 127 -28.66 -5.76 6.75
CA GLY A 127 -28.96 -4.87 7.86
C GLY A 127 -27.72 -4.50 8.65
N ALA A 128 -27.78 -3.31 9.25
CA ALA A 128 -26.66 -2.77 10.01
C ALA A 128 -26.52 -3.55 11.32
N PRO A 129 -25.32 -3.61 11.95
CA PRO A 129 -24.01 -3.09 11.57
C PRO A 129 -23.39 -3.95 10.46
N ALA A 130 -22.62 -3.29 9.58
CA ALA A 130 -21.83 -3.95 8.54
C ALA A 130 -20.34 -3.70 8.75
N ASP A 131 -19.52 -4.59 8.22
CA ASP A 131 -18.06 -4.47 8.35
C ASP A 131 -17.50 -3.95 7.04
N LEU A 132 -17.10 -2.67 7.00
CA LEU A 132 -16.61 -2.11 5.74
C LEU A 132 -15.20 -2.61 5.31
N ARG A 133 -14.47 -3.26 6.22
CA ARG A 133 -13.20 -3.83 5.78
C ARG A 133 -13.42 -5.20 5.16
N ASN A 134 -13.94 -6.12 5.95
CA ASN A 134 -14.02 -7.51 5.52
C ASN A 134 -15.13 -7.74 4.46
N ASP A 135 -16.15 -6.89 4.41
CA ASP A 135 -17.32 -7.16 3.61
C ASP A 135 -17.56 -6.08 2.57
N PHE A 136 -16.59 -5.19 2.42
CA PHE A 136 -16.63 -4.22 1.38
C PHE A 136 -15.25 -3.93 0.82
N ALA A 137 -14.37 -3.32 1.58
CA ALA A 137 -13.18 -2.77 0.97
C ALA A 137 -12.24 -3.88 0.45
N ASP A 138 -11.96 -4.88 1.27
CA ASP A 138 -11.13 -6.02 0.86
C ASP A 138 -11.66 -6.92 -0.29
N PRO A 139 -12.99 -7.22 -0.28
CA PRO A 139 -13.52 -7.99 -1.41
C PRO A 139 -13.48 -7.17 -2.69
N LEU A 140 -13.63 -5.87 -2.54
CA LEU A 140 -13.51 -4.94 -3.69
C LEU A 140 -12.09 -4.92 -4.36
N ALA A 141 -11.05 -4.68 -3.54
CA ALA A 141 -9.66 -4.87 -3.84
C ALA A 141 -9.36 -6.25 -4.43
N THR A 142 -9.84 -7.30 -3.75
CA THR A 142 -9.54 -8.64 -4.18
C THR A 142 -10.22 -8.82 -5.56
N ALA A 143 -11.48 -8.46 -5.69
CA ALA A 143 -12.15 -8.55 -6.96
C ALA A 143 -11.43 -7.74 -8.04
N LEU A 144 -10.91 -6.56 -7.72
CA LEU A 144 -10.25 -5.74 -8.73
C LEU A 144 -8.99 -6.44 -9.27
N HIS A 145 -8.18 -6.99 -8.39
CA HIS A 145 -6.91 -7.64 -8.77
C HIS A 145 -7.07 -8.93 -9.48
N CYS A 146 -8.18 -9.62 -9.21
CA CYS A 146 -8.44 -10.84 -9.91
C CYS A 146 -8.77 -10.48 -11.38
N LYS A 147 -9.76 -9.61 -11.57
CA LYS A 147 -10.04 -9.03 -12.88
C LYS A 147 -8.77 -8.57 -13.61
N VAL A 148 -7.91 -7.85 -12.89
CA VAL A 148 -6.73 -7.24 -13.47
C VAL A 148 -5.73 -8.32 -13.83
N LEU A 149 -5.46 -9.27 -12.93
CA LEU A 149 -4.57 -10.37 -13.25
C LEU A 149 -5.11 -11.27 -14.38
N GLY A 150 -6.45 -11.35 -14.53
CA GLY A 150 -7.08 -12.32 -15.45
C GLY A 150 -7.40 -13.66 -14.78
N ILE A 151 -7.37 -13.71 -13.46
CA ILE A 151 -7.62 -14.97 -12.79
C ILE A 151 -9.08 -15.09 -12.33
N PRO A 152 -9.55 -16.33 -12.01
CA PRO A 152 -10.94 -16.38 -11.64
C PRO A 152 -11.23 -15.69 -10.30
N GLN A 153 -12.33 -14.94 -10.27
CA GLN A 153 -12.79 -14.20 -9.09
C GLN A 153 -12.84 -15.12 -7.88
N GLU A 154 -13.21 -16.38 -8.10
CA GLU A 154 -13.44 -17.31 -7.00
C GLU A 154 -12.15 -17.72 -6.31
N ASP A 155 -11.01 -17.56 -7.00
CA ASP A 155 -9.67 -17.79 -6.49
C ASP A 155 -9.17 -16.66 -5.56
N GLY A 156 -9.82 -15.51 -5.61
CA GLY A 156 -9.41 -14.34 -4.86
C GLY A 156 -9.38 -14.56 -3.35
N PRO A 157 -10.48 -15.02 -2.77
CA PRO A 157 -10.41 -15.17 -1.31
C PRO A 157 -9.27 -16.07 -0.76
N LYS A 158 -8.93 -17.17 -1.45
CA LYS A 158 -7.83 -18.00 -0.95
C LYS A 158 -6.48 -17.26 -1.08
N LEU A 159 -6.25 -16.65 -2.24
CA LEU A 159 -5.07 -15.84 -2.39
C LEU A 159 -5.02 -14.66 -1.38
N PHE A 160 -6.19 -14.12 -1.06
CA PHE A 160 -6.32 -13.00 -0.13
C PHE A 160 -5.89 -13.44 1.26
N ARG A 161 -6.20 -14.66 1.62
CA ARG A 161 -5.91 -15.08 2.98
C ARG A 161 -4.42 -15.29 3.28
N SER A 162 -3.56 -15.26 2.27
CA SER A 162 -2.15 -15.24 2.49
C SER A 162 -1.68 -13.87 3.05
N LEU A 163 -2.47 -12.81 2.83
CA LEU A 163 -1.98 -11.44 3.05
C LEU A 163 -1.80 -10.98 4.50
N SER A 164 -2.58 -11.52 5.41
CA SER A 164 -2.43 -11.23 6.82
C SER A 164 -1.09 -11.70 7.37
N ILE A 165 -0.51 -12.71 6.71
CA ILE A 165 0.85 -13.19 6.97
C ILE A 165 1.91 -12.53 6.05
N ALA A 166 1.61 -12.39 4.76
CA ALA A 166 2.59 -11.93 3.79
C ALA A 166 3.12 -10.57 4.10
N PHE A 167 2.26 -9.73 4.69
CA PHE A 167 2.63 -8.33 4.97
C PHE A 167 2.85 -8.05 6.43
N MET A 168 3.16 -9.13 7.17
CA MET A 168 3.65 -8.94 8.52
C MET A 168 4.94 -8.11 8.51
N SER A 169 5.07 -7.32 9.59
CA SER A 169 6.33 -6.66 9.94
C SER A 169 6.85 -7.28 11.23
N SER A 170 7.70 -8.30 11.05
CA SER A 170 8.12 -9.23 12.07
C SER A 170 9.62 -9.08 12.41
N ALA A 171 9.97 -9.17 13.70
CA ALA A 171 11.38 -9.30 14.03
C ALA A 171 12.02 -10.53 13.37
N ASP A 172 11.25 -11.61 13.22
CA ASP A 172 11.79 -12.88 12.74
C ASP A 172 11.15 -13.47 11.52
N PRO A 173 11.85 -14.42 10.84
CA PRO A 173 11.29 -15.08 9.67
C PRO A 173 9.99 -15.75 10.04
N ILE A 174 9.04 -15.76 9.10
CA ILE A 174 7.71 -16.29 9.36
C ILE A 174 7.52 -17.58 8.59
N PRO A 175 7.51 -18.74 9.30
CA PRO A 175 7.36 -19.97 8.56
C PRO A 175 6.11 -19.99 7.64
N ALA A 176 5.03 -19.39 8.10
CA ALA A 176 3.81 -19.44 7.33
C ALA A 176 3.92 -18.68 6.00
N ALA A 177 4.77 -17.64 5.95
CA ALA A 177 4.96 -16.82 4.73
C ALA A 177 5.56 -17.63 3.59
N LYS A 178 6.49 -18.53 3.95
CA LYS A 178 7.12 -19.41 2.99
C LYS A 178 6.10 -20.43 2.39
N ILE A 179 5.43 -21.16 3.27
CA ILE A 179 4.29 -21.97 2.88
C ILE A 179 3.35 -21.26 1.87
N ASN A 180 2.82 -20.09 2.25
CA ASN A 180 1.89 -19.37 1.40
C ASN A 180 2.58 -18.95 0.12
N TRP A 181 3.76 -18.35 0.24
CA TRP A 181 4.51 -17.95 -0.94
C TRP A 181 4.68 -19.04 -1.95
N ASP A 182 5.21 -20.17 -1.48
CA ASP A 182 5.43 -21.35 -2.34
C ASP A 182 4.12 -21.83 -2.95
N ARG A 183 3.07 -21.86 -2.14
CA ARG A 183 1.76 -22.30 -2.61
C ARG A 183 1.21 -21.35 -3.70
N ASP A 184 1.22 -20.06 -3.42
CA ASP A 184 0.72 -19.04 -4.34
C ASP A 184 1.58 -18.94 -5.60
N ILE A 185 2.88 -19.23 -5.50
CA ILE A 185 3.74 -19.35 -6.70
C ILE A 185 3.30 -20.58 -7.55
N GLU A 186 3.04 -21.75 -6.95
CA GLU A 186 2.52 -22.88 -7.77
C GLU A 186 1.21 -22.51 -8.44
N TYR A 187 0.36 -21.80 -7.70
CA TYR A 187 -0.88 -21.36 -8.26
C TYR A 187 -0.60 -20.52 -9.56
N MET A 188 0.22 -19.48 -9.43
CA MET A 188 0.49 -18.59 -10.56
C MET A 188 1.18 -19.31 -11.71
N ALA A 189 2.05 -20.28 -11.41
CA ALA A 189 2.66 -21.08 -12.45
C ALA A 189 1.56 -21.85 -13.21
N GLY A 190 0.62 -22.45 -12.46
CA GLY A 190 -0.49 -23.23 -13.05
C GLY A 190 -1.24 -22.31 -14.00
N ILE A 191 -1.44 -21.06 -13.56
CA ILE A 191 -2.12 -20.04 -14.34
C ILE A 191 -1.39 -19.69 -15.69
N LEU A 192 -0.06 -19.63 -15.69
CA LEU A 192 0.73 -19.45 -16.95
C LEU A 192 0.56 -20.61 -17.92
N GLU A 193 0.38 -21.81 -17.38
CA GLU A 193 0.19 -23.02 -18.19
C GLU A 193 -1.31 -23.25 -18.48
N ASN A 194 -2.18 -22.38 -17.99
CA ASN A 194 -3.63 -22.57 -18.11
C ASN A 194 -4.19 -21.92 -19.36
N PRO A 195 -4.68 -22.76 -20.31
CA PRO A 195 -5.02 -22.25 -21.66
C PRO A 195 -6.15 -21.24 -21.60
N ASN A 196 -7.07 -21.36 -20.64
CA ASN A 196 -8.17 -20.35 -20.44
C ASN A 196 -7.78 -19.03 -19.83
N ILE A 197 -6.52 -18.83 -19.48
CA ILE A 197 -6.20 -17.55 -18.86
C ILE A 197 -5.57 -16.71 -19.91
N THR A 198 -6.38 -15.84 -20.52
CA THR A 198 -5.93 -15.07 -21.68
C THR A 198 -6.09 -13.56 -21.50
N THR A 199 -6.66 -13.11 -20.39
CA THR A 199 -6.83 -11.66 -20.21
C THR A 199 -5.99 -11.18 -19.06
N GLY A 200 -5.98 -9.85 -18.89
CA GLY A 200 -5.25 -9.24 -17.84
C GLY A 200 -3.76 -9.50 -17.84
N LEU A 201 -3.15 -9.29 -16.68
CA LEU A 201 -1.69 -9.37 -16.56
C LEU A 201 -1.16 -10.82 -16.80
N MET A 202 -1.82 -11.82 -16.26
CA MET A 202 -1.36 -13.21 -16.40
C MET A 202 -1.55 -13.74 -17.84
N GLY A 203 -2.67 -13.35 -18.46
CA GLY A 203 -2.90 -13.65 -19.88
C GLY A 203 -1.77 -13.07 -20.72
N GLU A 204 -1.38 -11.83 -20.41
CA GLU A 204 -0.33 -11.19 -21.14
C GLU A 204 1.05 -11.84 -20.90
N LEU A 205 1.38 -12.07 -19.63
CA LEU A 205 2.61 -12.78 -19.24
C LEU A 205 2.67 -14.16 -19.83
N SER A 206 1.55 -14.87 -19.96
CA SER A 206 1.58 -16.16 -20.64
C SER A 206 2.01 -16.02 -22.10
N ARG A 207 1.52 -14.98 -22.77
CA ARG A 207 1.87 -14.76 -24.18
C ARG A 207 3.37 -14.47 -24.28
N LEU A 208 3.85 -13.56 -23.44
CA LEU A 208 5.24 -13.10 -23.52
C LEU A 208 6.16 -14.23 -23.16
N ARG A 209 5.66 -15.12 -22.32
CA ARG A 209 6.40 -16.28 -21.95
C ARG A 209 6.70 -17.17 -23.16
N LYS A 210 5.76 -17.28 -24.10
CA LYS A 210 5.97 -18.13 -25.26
C LYS A 210 6.61 -17.37 -26.40
N ASP A 211 6.83 -16.07 -26.23
CA ASP A 211 7.45 -15.26 -27.25
C ASP A 211 8.95 -15.50 -27.24
N PRO A 212 9.57 -15.76 -28.43
CA PRO A 212 11.03 -15.99 -28.46
C PRO A 212 11.83 -14.83 -27.87
N ALA A 213 11.32 -13.60 -27.94
CA ALA A 213 12.01 -12.46 -27.28
C ALA A 213 12.13 -12.55 -25.73
N TYR A 214 11.43 -13.50 -25.09
CA TYR A 214 11.38 -13.68 -23.61
C TYR A 214 11.73 -15.11 -23.23
N SER A 215 12.20 -15.89 -24.21
CA SER A 215 12.58 -17.28 -24.01
C SER A 215 13.49 -17.52 -22.82
N HIS A 216 14.33 -16.54 -22.45
CA HIS A 216 15.31 -16.66 -21.32
C HIS A 216 14.86 -16.05 -20.01
N VAL A 217 13.68 -15.46 -19.98
CA VAL A 217 13.07 -15.00 -18.75
C VAL A 217 12.57 -16.25 -17.98
N SER A 218 12.86 -16.37 -16.68
CA SER A 218 12.54 -17.61 -15.96
C SER A 218 11.06 -17.71 -15.58
N ASP A 219 10.60 -18.96 -15.41
CA ASP A 219 9.23 -19.19 -15.00
C ASP A 219 8.98 -18.61 -13.58
N GLU A 220 10.01 -18.67 -12.72
CA GLU A 220 9.95 -18.17 -11.37
C GLU A 220 9.59 -16.67 -11.37
N LEU A 221 10.19 -15.87 -12.26
CA LEU A 221 9.89 -14.48 -12.36
C LEU A 221 8.46 -14.22 -12.80
N PHE A 222 7.99 -14.93 -13.81
CA PHE A 222 6.61 -14.78 -14.28
C PHE A 222 5.63 -15.09 -13.13
N ALA A 223 5.79 -16.23 -12.46
CA ALA A 223 4.91 -16.55 -11.34
C ALA A 223 5.02 -15.48 -10.24
N THR A 224 6.25 -15.03 -9.96
CA THR A 224 6.55 -14.03 -8.93
C THR A 224 5.81 -12.75 -9.20
N ILE A 225 5.78 -12.31 -10.46
CA ILE A 225 5.03 -11.12 -10.81
C ILE A 225 3.53 -11.22 -10.43
N GLY A 226 2.83 -12.27 -10.83
CA GLY A 226 1.47 -12.46 -10.38
C GLY A 226 1.26 -12.46 -8.85
N VAL A 227 2.10 -13.20 -8.10
CA VAL A 227 1.96 -13.26 -6.64
C VAL A 227 2.22 -11.86 -6.04
N THR A 228 3.35 -11.25 -6.43
CA THR A 228 3.69 -9.93 -5.93
C THR A 228 2.69 -8.83 -6.29
N PHE A 229 2.13 -8.88 -7.49
CA PHE A 229 1.30 -7.77 -7.89
C PHE A 229 -0.05 -7.99 -7.32
N PHE A 230 -0.49 -9.23 -7.23
CA PHE A 230 -1.71 -9.53 -6.46
C PHE A 230 -1.58 -9.02 -5.01
N GLY A 231 -0.54 -9.48 -4.32
CA GLY A 231 -0.37 -9.20 -2.91
C GLY A 231 -0.17 -7.73 -2.55
N ALA A 232 0.82 -7.07 -3.19
CA ALA A 232 1.08 -5.66 -2.97
C ALA A 232 -0.16 -4.82 -3.26
N GLY A 233 -0.87 -5.14 -4.35
CA GLY A 233 -2.03 -4.37 -4.79
C GLY A 233 -3.27 -4.54 -3.94
N VAL A 234 -3.61 -5.79 -3.62
CA VAL A 234 -4.78 -6.01 -2.75
C VAL A 234 -4.55 -5.46 -1.35
N ILE A 235 -3.32 -5.65 -0.81
CA ILE A 235 -2.99 -5.12 0.53
C ILE A 235 -3.06 -3.60 0.59
N SER A 236 -2.57 -2.95 -0.48
CA SER A 236 -2.40 -1.53 -0.49
C SER A 236 -3.72 -0.85 -0.76
N THR A 237 -4.49 -1.33 -1.73
CA THR A 237 -5.75 -0.68 -2.01
C THR A 237 -6.80 -0.96 -0.94
N GLY A 238 -6.83 -2.15 -0.40
CA GLY A 238 -7.82 -2.48 0.61
C GLY A 238 -7.52 -1.76 1.90
N SER A 239 -6.22 -1.67 2.25
CA SER A 239 -5.83 -0.92 3.45
C SER A 239 -6.15 0.56 3.30
N PHE A 240 -5.75 1.14 2.15
CA PHE A 240 -6.01 2.52 1.91
C PHE A 240 -7.50 2.83 1.96
N LEU A 241 -8.29 2.10 1.21
CA LEU A 241 -9.68 2.43 1.11
C LEU A 241 -10.21 2.42 2.52
N THR A 242 -9.91 1.36 3.28
CA THR A 242 -10.55 1.15 4.59
C THR A 242 -10.33 2.34 5.50
N THR A 243 -9.08 2.82 5.55
CA THR A 243 -8.75 3.89 6.45
C THR A 243 -9.15 5.23 5.83
N ALA A 244 -9.33 5.31 4.53
CA ALA A 244 -9.85 6.53 3.95
C ALA A 244 -11.35 6.66 4.26
N LEU A 245 -12.08 5.53 4.37
CA LEU A 245 -13.49 5.54 4.79
C LEU A 245 -13.67 6.12 6.19
N ILE A 246 -12.79 5.70 7.11
CA ILE A 246 -12.82 6.16 8.49
C ILE A 246 -12.63 7.65 8.43
N SER A 247 -11.61 8.13 7.72
CA SER A 247 -11.44 9.63 7.63
C SER A 247 -12.65 10.34 7.03
N LEU A 248 -13.32 9.67 6.10
CA LEU A 248 -14.49 10.25 5.46
C LEU A 248 -15.62 10.30 6.47
N ILE A 249 -16.00 9.14 7.01
CA ILE A 249 -16.95 9.00 8.09
C ILE A 249 -16.76 10.06 9.21
N GLN A 250 -15.53 10.24 9.68
CA GLN A 250 -15.22 11.18 10.77
C GLN A 250 -15.42 12.64 10.38
N ARG A 251 -15.78 12.92 9.12
CA ARG A 251 -15.94 14.26 8.56
C ARG A 251 -17.28 14.34 7.81
N PRO A 252 -18.36 14.44 8.55
CA PRO A 252 -19.66 14.49 7.88
C PRO A 252 -19.78 15.66 6.93
N GLN A 253 -19.10 16.78 7.19
CA GLN A 253 -19.16 17.96 6.31
C GLN A 253 -18.56 17.66 4.92
N LEU A 254 -17.34 17.11 4.95
CA LEU A 254 -16.64 16.60 3.77
C LEU A 254 -17.49 15.57 3.05
N ARG A 255 -18.08 14.66 3.81
CA ARG A 255 -18.90 13.60 3.19
C ARG A 255 -20.09 14.20 2.48
N ASN A 256 -20.71 15.23 3.07
CA ASN A 256 -21.81 15.91 2.44
C ASN A 256 -21.41 16.51 1.11
N LEU A 257 -20.38 17.37 1.17
CA LEU A 257 -19.82 18.01 -0.01
C LEU A 257 -19.53 17.07 -1.19
N LEU A 258 -18.89 15.93 -0.93
CA LEU A 258 -18.65 14.94 -1.99
C LEU A 258 -19.92 14.25 -2.44
N HIS A 259 -20.91 14.17 -1.57
CA HIS A 259 -22.25 13.64 -1.93
C HIS A 259 -22.98 14.59 -2.85
N GLU A 260 -23.10 15.87 -2.48
CA GLU A 260 -23.63 16.92 -3.37
C GLU A 260 -22.83 16.95 -4.68
N LYS A 261 -21.51 17.11 -4.56
CA LYS A 261 -20.61 17.34 -5.70
C LYS A 261 -19.63 16.19 -5.97
N PRO A 262 -20.11 15.10 -6.58
CA PRO A 262 -19.27 13.89 -6.67
C PRO A 262 -18.08 14.06 -7.61
N GLU A 263 -18.05 15.18 -8.34
CA GLU A 263 -16.93 15.48 -9.22
C GLU A 263 -15.70 15.96 -8.43
N LEU A 264 -15.91 16.22 -7.16
CA LEU A 264 -14.82 16.51 -6.27
C LEU A 264 -14.17 15.23 -5.66
N ILE A 265 -14.76 14.06 -5.89
CA ILE A 265 -14.27 12.80 -5.29
C ILE A 265 -12.79 12.59 -5.61
N PRO A 266 -12.37 12.72 -6.88
CA PRO A 266 -10.93 12.65 -7.17
C PRO A 266 -10.09 13.59 -6.30
N ALA A 267 -10.52 14.85 -6.12
CA ALA A 267 -9.70 15.79 -5.32
C ALA A 267 -9.69 15.38 -3.84
N GLY A 268 -10.80 14.75 -3.42
CA GLY A 268 -10.93 14.18 -2.07
C GLY A 268 -10.03 12.97 -1.81
N VAL A 269 -10.02 12.00 -2.73
CA VAL A 269 -9.14 10.82 -2.61
C VAL A 269 -7.66 11.24 -2.55
N GLU A 270 -7.29 12.19 -3.38
CA GLU A 270 -5.96 12.75 -3.38
C GLU A 270 -5.56 13.32 -2.01
N GLU A 271 -6.47 14.00 -1.33
CA GLU A 271 -6.23 14.41 0.06
C GLU A 271 -6.27 13.23 1.00
N LEU A 272 -7.13 12.24 0.71
CA LEU A 272 -7.23 11.08 1.58
C LEU A 272 -5.96 10.28 1.53
N LEU A 273 -5.35 10.19 0.33
CA LEU A 273 -4.02 9.59 0.15
C LEU A 273 -3.00 10.39 0.93
N ARG A 274 -2.97 11.71 0.75
CA ARG A 274 -1.99 12.52 1.45
C ARG A 274 -1.99 12.27 2.95
N ILE A 275 -3.18 12.26 3.57
CA ILE A 275 -3.27 12.10 5.00
C ILE A 275 -3.29 10.63 5.48
N ASN A 276 -3.25 9.68 4.56
CA ASN A 276 -3.42 8.31 5.00
C ASN A 276 -2.24 7.78 5.85
N LEU A 277 -2.63 7.05 6.88
CA LEU A 277 -1.68 6.40 7.75
C LEU A 277 -1.54 4.92 7.50
N SER A 278 -1.97 4.44 6.33
CA SER A 278 -1.96 3.00 6.12
C SER A 278 -0.58 2.35 6.12
N PHE A 279 0.48 3.07 5.72
CA PHE A 279 1.84 2.48 5.74
C PHE A 279 2.38 2.48 7.13
N ALA A 280 2.73 1.32 7.66
CA ALA A 280 2.97 1.21 9.11
C ALA A 280 4.37 1.56 9.51
N ASP A 281 5.31 1.39 8.56
CA ASP A 281 6.72 1.60 8.81
C ASP A 281 7.22 2.58 7.74
N GLY A 282 8.28 3.31 8.06
CA GLY A 282 8.90 4.09 7.01
C GLY A 282 9.37 3.14 5.91
N LEU A 283 9.58 3.69 4.71
CA LEU A 283 10.21 2.97 3.60
C LEU A 283 11.68 2.72 3.94
N PRO A 284 12.10 1.45 3.95
CA PRO A 284 13.49 1.11 4.26
C PRO A 284 14.41 1.33 3.05
N ARG A 285 15.63 1.82 3.30
CA ARG A 285 16.65 1.93 2.23
C ARG A 285 17.99 1.70 2.86
N LEU A 286 18.92 1.09 2.14
CA LEU A 286 20.27 0.89 2.68
C LEU A 286 21.28 1.79 2.00
N ALA A 287 21.91 2.65 2.79
CA ALA A 287 22.98 3.53 2.26
C ALA A 287 24.13 2.73 1.57
N THR A 288 24.36 2.98 0.28
CA THR A 288 25.49 2.35 -0.37
C THR A 288 26.69 3.27 -0.38
N ALA A 289 26.58 4.42 0.27
CA ALA A 289 27.72 5.37 0.42
C ALA A 289 27.52 6.27 1.66
N ASP A 290 28.54 7.04 2.03
CA ASP A 290 28.36 8.05 3.06
C ASP A 290 27.74 9.31 2.42
N ILE A 291 26.54 9.68 2.86
CA ILE A 291 25.68 10.67 2.22
C ILE A 291 25.21 11.58 3.36
N GLN A 292 25.37 12.89 3.20
CA GLN A 292 24.87 13.85 4.20
C GLN A 292 23.36 14.02 4.00
N VAL A 293 22.60 13.91 5.09
CA VAL A 293 21.15 14.08 5.12
C VAL A 293 20.80 15.00 6.31
N GLY A 294 20.48 16.26 6.03
CA GLY A 294 20.34 17.20 7.11
C GLY A 294 21.62 17.21 7.90
N ASP A 295 21.51 17.16 9.22
CA ASP A 295 22.69 17.26 10.12
C ASP A 295 23.48 15.94 10.32
N VAL A 296 23.05 14.88 9.62
CA VAL A 296 23.55 13.56 9.92
C VAL A 296 24.26 13.04 8.68
N LEU A 297 25.46 12.51 8.89
CA LEU A 297 26.17 11.88 7.81
C LEU A 297 25.84 10.38 7.89
N VAL A 298 24.88 9.93 7.08
CA VAL A 298 24.51 8.50 6.98
C VAL A 298 25.69 7.75 6.38
N ARG A 299 26.16 6.73 7.09
CA ARG A 299 27.33 5.95 6.73
C ARG A 299 26.93 4.80 5.86
N LYS A 300 27.77 4.46 4.88
CA LYS A 300 27.51 3.31 4.03
C LYS A 300 27.23 2.10 4.94
N GLY A 301 26.21 1.30 4.57
CA GLY A 301 25.81 0.14 5.36
C GLY A 301 24.57 0.37 6.28
N GLU A 302 24.27 1.62 6.58
CA GLU A 302 23.25 1.95 7.54
C GLU A 302 21.85 1.95 6.91
N LEU A 303 20.84 1.63 7.72
CA LEU A 303 19.43 1.58 7.31
C LEU A 303 18.85 2.94 7.53
N VAL A 304 18.06 3.40 6.56
CA VAL A 304 17.35 4.68 6.61
C VAL A 304 15.89 4.39 6.40
N LEU A 305 15.02 4.86 7.31
CA LEU A 305 13.57 4.73 7.19
C LEU A 305 12.92 6.08 6.88
N VAL A 306 12.26 6.16 5.70
CA VAL A 306 11.60 7.35 5.17
C VAL A 306 10.16 7.35 5.67
N LEU A 307 9.81 8.25 6.59
CA LEU A 307 8.48 8.18 7.22
C LEU A 307 7.42 8.96 6.41
N LEU A 308 6.60 8.22 5.65
CA LEU A 308 5.71 8.84 4.68
C LEU A 308 4.80 9.90 5.31
N GLU A 309 4.26 9.66 6.51
CA GLU A 309 3.38 10.68 7.14
C GLU A 309 4.22 11.81 7.71
N GLY A 310 5.53 11.62 7.79
CA GLY A 310 6.38 12.73 8.22
C GLY A 310 6.37 13.77 7.11
N ALA A 311 6.46 13.27 5.86
CA ALA A 311 6.53 14.12 4.69
C ALA A 311 5.16 14.70 4.46
N ASN A 312 4.14 13.83 4.55
CA ASN A 312 2.78 14.21 4.17
C ASN A 312 2.07 15.15 5.19
N PHE A 313 2.55 15.21 6.43
CA PHE A 313 1.99 16.13 7.40
C PHE A 313 3.00 17.25 7.71
N ASP A 314 4.05 17.38 6.90
CA ASP A 314 5.02 18.44 7.10
C ASP A 314 4.29 19.72 6.72
N PRO A 315 4.12 20.62 7.71
CA PRO A 315 3.39 21.87 7.50
C PRO A 315 4.15 22.83 6.62
N GLU A 316 5.47 22.61 6.44
CA GLU A 316 6.31 23.49 5.64
C GLU A 316 5.94 23.25 4.16
N HIS A 317 5.42 22.06 3.83
CA HIS A 317 5.03 21.69 2.48
C HIS A 317 3.52 21.61 2.35
N PHE A 318 2.81 21.17 3.38
CA PHE A 318 1.34 21.17 3.33
C PHE A 318 0.75 22.02 4.49
N PRO A 319 0.49 23.32 4.28
CA PRO A 319 -0.05 24.06 5.45
C PRO A 319 -1.36 23.46 6.01
N ASN A 320 -1.57 23.62 7.31
CA ASN A 320 -2.70 23.01 7.98
C ASN A 320 -2.78 21.53 7.51
N PRO A 321 -1.69 20.76 7.79
CA PRO A 321 -1.51 19.45 7.18
C PRO A 321 -2.54 18.48 7.64
N GLY A 322 -3.04 18.61 8.87
CA GLY A 322 -4.03 17.64 9.40
C GLY A 322 -5.39 17.80 8.72
N SER A 323 -5.51 18.83 7.88
CA SER A 323 -6.81 19.18 7.36
C SER A 323 -6.97 18.86 5.88
N ILE A 324 -8.11 18.27 5.50
CA ILE A 324 -8.41 17.91 4.11
C ILE A 324 -8.89 19.12 3.36
N GLU A 325 -8.10 19.59 2.40
CA GLU A 325 -8.48 20.80 1.65
C GLU A 325 -8.41 20.45 0.20
N LEU A 326 -9.53 20.61 -0.51
CA LEU A 326 -9.67 20.13 -1.89
C LEU A 326 -9.10 21.09 -2.95
N ASP A 327 -8.40 22.12 -2.50
CA ASP A 327 -7.96 23.19 -3.41
C ASP A 327 -6.52 23.59 -3.09
N ARG A 328 -5.71 22.65 -2.59
CA ARG A 328 -4.30 22.89 -2.37
C ARG A 328 -3.68 23.03 -3.75
N PRO A 329 -2.64 23.89 -3.92
CA PRO A 329 -1.94 24.05 -5.21
C PRO A 329 -0.97 22.92 -5.52
N ASN A 330 -0.62 22.10 -4.52
CA ASN A 330 0.35 21.00 -4.68
C ASN A 330 -0.28 19.62 -4.30
N PRO A 331 -1.52 19.38 -4.76
CA PRO A 331 -2.27 18.28 -4.17
C PRO A 331 -1.66 16.87 -4.34
N THR A 332 -1.01 16.58 -5.48
CA THR A 332 -0.53 15.24 -5.76
C THR A 332 0.96 15.07 -5.40
N SER A 333 1.58 16.07 -4.74
CA SER A 333 3.03 16.01 -4.45
C SER A 333 3.31 15.28 -3.16
N HIS A 334 2.28 14.64 -2.60
CA HIS A 334 2.46 13.81 -1.38
C HIS A 334 3.30 12.64 -1.79
N LEU A 335 3.87 11.96 -0.78
CA LEU A 335 4.66 10.75 -0.93
C LEU A 335 3.88 9.44 -0.70
N ALA A 336 2.55 9.49 -0.63
CA ALA A 336 1.72 8.28 -0.42
C ALA A 336 2.07 7.11 -1.35
N PHE A 337 2.52 7.42 -2.56
CA PHE A 337 2.99 6.40 -3.53
C PHE A 337 4.52 6.36 -3.64
N GLY A 338 5.21 7.07 -2.76
CA GLY A 338 6.64 7.07 -2.82
C GLY A 338 7.06 8.17 -3.76
N ARG A 339 8.24 7.96 -4.33
CA ARG A 339 8.92 8.99 -5.08
C ARG A 339 10.17 8.44 -5.70
N GLY A 340 10.52 8.91 -6.90
CA GLY A 340 11.78 8.52 -7.57
C GLY A 340 11.72 7.10 -8.11
N GLN A 341 12.79 6.33 -7.89
CA GLN A 341 13.01 5.06 -8.60
C GLN A 341 11.86 4.01 -8.44
N HIS A 342 11.35 3.89 -7.20
CA HIS A 342 10.38 2.87 -6.84
C HIS A 342 8.94 3.35 -6.68
N PHE A 343 8.65 4.58 -7.16
CA PHE A 343 7.30 5.16 -7.21
C PHE A 343 6.33 4.06 -7.57
N CYS A 344 5.17 4.05 -6.89
CA CYS A 344 4.24 2.92 -7.01
C CYS A 344 3.75 2.71 -8.45
N PRO A 345 4.04 1.54 -9.04
CA PRO A 345 3.50 1.34 -10.41
C PRO A 345 1.95 1.19 -10.50
N GLY A 346 1.24 0.99 -9.37
CA GLY A 346 -0.22 0.76 -9.41
C GLY A 346 -1.01 1.97 -8.94
N SER A 347 -0.38 3.14 -9.02
CA SER A 347 -0.94 4.37 -8.44
C SER A 347 -2.25 4.76 -9.09
N ALA A 348 -2.32 4.68 -10.42
CA ALA A 348 -3.56 5.06 -11.15
C ALA A 348 -4.71 4.10 -10.72
N LEU A 349 -4.34 2.84 -10.56
CA LEU A 349 -5.29 1.79 -10.21
C LEU A 349 -5.77 1.98 -8.76
N GLY A 350 -4.83 2.27 -7.85
CA GLY A 350 -5.10 2.60 -6.46
C GLY A 350 -6.06 3.77 -6.32
N ARG A 351 -5.77 4.88 -7.02
CA ARG A 351 -6.70 6.01 -7.17
C ARG A 351 -8.11 5.65 -7.64
N ARG A 352 -8.27 4.93 -8.77
CA ARG A 352 -9.63 4.59 -9.26
C ARG A 352 -10.38 3.69 -8.32
N HIS A 353 -9.69 2.70 -7.75
CA HIS A 353 -10.35 1.80 -6.80
C HIS A 353 -10.99 2.64 -5.69
N ALA A 354 -10.27 3.62 -5.13
CA ALA A 354 -10.79 4.37 -3.98
C ALA A 354 -11.88 5.33 -4.40
N GLN A 355 -11.71 6.00 -5.54
CA GLN A 355 -12.68 6.96 -6.05
C GLN A 355 -14.00 6.26 -6.26
N ILE A 356 -13.95 5.14 -6.97
CA ILE A 356 -15.17 4.40 -7.21
C ILE A 356 -15.79 3.76 -5.96
N GLY A 357 -14.95 3.17 -5.10
CA GLY A 357 -15.44 2.61 -3.88
C GLY A 357 -16.10 3.67 -3.03
N ILE A 358 -15.45 4.83 -2.85
CA ILE A 358 -16.03 5.92 -2.09
C ILE A 358 -17.34 6.42 -2.76
N GLU A 359 -17.29 6.59 -4.08
CA GLU A 359 -18.42 7.09 -4.86
C GLU A 359 -19.65 6.24 -4.65
N ALA A 360 -19.50 4.93 -4.82
CA ALA A 360 -20.59 3.99 -4.60
C ALA A 360 -21.00 3.98 -3.16
N LEU A 361 -20.05 4.02 -2.20
CA LEU A 361 -20.47 4.03 -0.78
C LEU A 361 -21.36 5.23 -0.45
N LEU A 362 -20.93 6.41 -0.91
CA LEU A 362 -21.68 7.65 -0.73
C LEU A 362 -23.06 7.64 -1.39
N LYS A 363 -23.24 6.93 -2.51
CA LYS A 363 -24.59 6.85 -3.11
C LYS A 363 -25.51 5.94 -2.31
N LYS A 364 -24.99 4.80 -1.91
CA LYS A 364 -25.80 3.74 -1.33
C LYS A 364 -26.05 3.96 0.15
N MET A 365 -25.11 4.65 0.82
CA MET A 365 -25.09 4.79 2.26
C MET A 365 -24.83 6.24 2.63
N PRO A 366 -25.72 7.18 2.21
CA PRO A 366 -25.36 8.57 2.52
C PRO A 366 -25.34 8.91 4.04
N GLY A 367 -26.04 8.14 4.87
CA GLY A 367 -25.94 8.32 6.30
C GLY A 367 -24.92 7.41 7.01
N VAL A 368 -23.93 6.92 6.26
CA VAL A 368 -22.96 5.97 6.80
C VAL A 368 -22.29 6.59 8.02
N ASP A 369 -22.11 5.81 9.08
CA ASP A 369 -21.50 6.32 10.29
C ASP A 369 -20.90 5.14 11.02
N LEU A 370 -19.88 5.38 11.81
CA LEU A 370 -19.34 4.33 12.67
C LEU A 370 -20.49 3.85 13.55
N ALA A 371 -20.56 2.54 13.77
CA ALA A 371 -21.58 1.97 14.61
C ALA A 371 -20.93 1.65 15.96
N VAL A 372 -19.63 1.94 16.10
CA VAL A 372 -18.98 1.87 17.43
C VAL A 372 -18.20 3.16 17.74
N PRO A 373 -17.89 3.46 19.01
CA PRO A 373 -16.95 4.61 19.16
C PRO A 373 -15.61 4.36 18.44
N ILE A 374 -15.08 5.37 17.72
CA ILE A 374 -13.80 5.23 17.04
C ILE A 374 -12.71 4.52 17.87
N ASP A 375 -12.65 4.77 19.18
CA ASP A 375 -11.63 4.04 20.00
C ASP A 375 -11.79 2.54 20.03
N GLN A 376 -13.00 2.03 19.74
CA GLN A 376 -13.25 0.56 19.73
C GLN A 376 -12.64 -0.18 18.53
N LEU A 377 -12.22 0.56 17.50
CA LEU A 377 -11.56 -0.12 16.37
C LEU A 377 -10.29 -0.85 16.87
N VAL A 378 -10.05 -2.06 16.38
CA VAL A 378 -8.91 -2.83 16.80
C VAL A 378 -7.86 -2.74 15.75
N TRP A 379 -6.70 -2.18 16.08
CA TRP A 379 -5.63 -1.99 15.09
C TRP A 379 -4.63 -3.11 14.99
N ARG A 380 -4.36 -3.52 13.75
CA ARG A 380 -3.51 -4.66 13.52
C ARG A 380 -2.06 -4.24 13.85
N THR A 381 -1.43 -5.04 14.71
CA THR A 381 -0.08 -4.80 15.14
C THR A 381 0.92 -5.60 14.28
N ARG A 382 2.16 -5.10 14.25
CA ARG A 382 3.32 -5.81 13.66
C ARG A 382 3.05 -6.18 12.17
N PHE A 383 2.59 -5.19 11.43
CA PHE A 383 2.03 -5.43 10.13
C PHE A 383 2.53 -4.28 9.31
N GLN A 384 2.62 -4.42 7.98
CA GLN A 384 3.22 -3.39 7.16
C GLN A 384 2.20 -2.31 6.79
N ARG A 385 0.95 -2.54 7.17
CA ARG A 385 -0.15 -1.59 7.04
C ARG A 385 -0.82 -1.44 8.38
N ARG A 386 -1.46 -0.30 8.57
CA ARG A 386 -2.27 -0.05 9.72
C ARG A 386 -3.68 -0.21 9.19
N ILE A 387 -4.38 -1.21 9.72
CA ILE A 387 -5.81 -1.38 9.47
C ILE A 387 -6.65 -1.79 10.68
N PRO A 388 -7.93 -1.36 10.67
CA PRO A 388 -8.78 -1.84 11.71
C PRO A 388 -9.18 -3.26 11.35
N GLU A 389 -9.16 -4.17 12.31
CA GLU A 389 -9.55 -5.53 12.04
C GLU A 389 -11.02 -5.63 11.55
N ARG A 390 -11.89 -4.74 11.98
CA ARG A 390 -13.28 -4.73 11.58
C ARG A 390 -13.63 -3.28 11.51
N LEU A 391 -14.44 -2.91 10.53
CA LEU A 391 -14.83 -1.52 10.42
C LEU A 391 -16.35 -1.45 10.62
N PRO A 392 -16.82 -1.48 11.88
CA PRO A 392 -18.31 -1.64 11.99
C PRO A 392 -19.06 -0.31 11.73
N VAL A 393 -19.96 -0.28 10.74
CA VAL A 393 -20.70 0.93 10.43
C VAL A 393 -22.22 0.78 10.39
N LEU A 394 -22.93 1.88 10.53
CA LEU A 394 -24.40 1.88 10.31
C LEU A 394 -24.76 3.02 9.32
N TRP A 395 -26.00 3.09 8.87
CA TRP A 395 -26.33 4.06 7.82
C TRP A 395 -27.76 4.42 7.90
CHA HEM B . 5.49 0.42 -4.50
CHB HEM B . 1.86 2.68 -1.85
CHC HEM B . -1.36 0.44 -4.78
CHD HEM B . 2.23 -2.70 -6.45
C1A HEM B . 4.76 1.30 -3.61
C2A HEM B . 5.44 2.38 -2.83
C3A HEM B . 4.39 3.04 -2.04
C4A HEM B . 3.14 2.31 -2.44
CMA HEM B . 4.50 4.18 -1.07
CAA HEM B . 6.92 2.70 -2.83
CBA HEM B . 7.60 1.63 -1.94
CGA HEM B . 9.08 1.93 -1.73
O1A HEM B . 9.58 2.88 -2.40
O2A HEM B . 9.76 1.25 -0.90
C1B HEM B . 0.58 2.30 -2.49
C2B HEM B . -0.75 2.81 -2.00
C3B HEM B . -1.64 2.10 -2.92
C4B HEM B . -0.76 1.30 -3.75
CMB HEM B . -1.08 3.79 -0.89
CAB HEM B . -3.10 2.09 -3.03
CBB HEM B . -3.77 3.23 -2.88
C1C HEM B . -0.62 -0.56 -5.53
C2C HEM B . -1.29 -1.27 -6.66
C3C HEM B . -0.19 -2.15 -7.12
C4C HEM B . 0.99 -1.95 -6.27
CMC HEM B . -2.71 -1.04 -7.16
CAC HEM B . -0.20 -3.10 -8.23
CBC HEM B . -1.26 -3.87 -8.46
C1D HEM B . 3.52 -2.09 -6.08
C2D HEM B . 4.82 -2.74 -6.43
C3D HEM B . 5.79 -1.79 -5.84
C4D HEM B . 4.93 -0.74 -5.22
CMD HEM B . 5.11 -4.04 -7.19
CAD HEM B . 7.29 -1.84 -5.83
CBD HEM B . 7.81 -0.71 -6.73
CGD HEM B . 9.31 -0.91 -6.86
O1D HEM B . 9.91 -0.35 -7.84
O2D HEM B . 9.89 -1.65 -6.00
NA HEM B . 3.33 1.14 -3.31
NB HEM B . 0.56 1.39 -3.49
NC HEM B . 0.74 -1.01 -5.16
ND HEM B . 3.60 -0.94 -5.33
FE HEM B . 2.04 0.38 -4.65
NAB 5MK C . 4.70 -14.41 1.51
CAI 5MK C . 4.39 -13.38 0.71
CAE 5MK C . 5.20 -12.23 0.71
CAF 5MK C . 4.87 -11.16 -0.15
CAJ 5MK C . 3.76 -11.25 -0.98
CLA 5MK C . 3.23 -9.97 -2.00
CAG 5MK C . 2.95 -12.40 -0.97
CAK 5MK C . 3.24 -13.50 -0.14
CAH 5MK C . 2.37 -14.64 -0.19
OAC 5MK C . 2.42 -15.48 0.69
NAA 5MK C . 1.40 -14.70 -1.12
S SO4 D . 4.87 -2.53 -1.29
O1 SO4 D . 6.27 -2.06 -1.54
O2 SO4 D . 4.55 -3.50 -2.34
O3 SO4 D . 4.73 -3.14 0.04
O4 SO4 D . 3.91 -1.40 -1.37
S SO4 E . 17.74 0.10 -6.19
O1 SO4 E . 19.10 0.13 -5.61
O2 SO4 E . 17.91 -0.26 -7.60
O3 SO4 E . 16.83 -0.84 -5.54
O4 SO4 E . 17.10 1.45 -6.05
S SO4 F . -8.06 -10.99 7.37
O1 SO4 F . -7.47 -9.71 6.91
O2 SO4 F . -6.99 -12.02 7.27
O3 SO4 F . -8.68 -10.82 8.72
O4 SO4 F . -9.15 -11.48 6.49
S SO4 G . 5.32 -24.38 -25.09
O1 SO4 G . 6.54 -24.02 -24.31
O2 SO4 G . 5.48 -25.76 -25.58
O3 SO4 G . 4.09 -24.40 -24.24
O4 SO4 G . 5.15 -23.36 -26.14
S SO4 H . -14.29 -14.96 -13.31
O1 SO4 H . -13.14 -14.07 -13.62
O2 SO4 H . -14.39 -16.00 -14.38
O3 SO4 H . -14.06 -15.65 -12.02
O4 SO4 H . -15.54 -14.15 -13.22
S SO4 I . -11.44 19.01 7.75
O1 SO4 I . -10.68 20.07 8.49
O2 SO4 I . -10.53 17.95 7.26
O3 SO4 I . -12.40 18.39 8.70
O4 SO4 I . -12.24 19.65 6.67
S SO4 J . -5.78 11.81 9.99
O1 SO4 J . -5.09 13.02 9.46
O2 SO4 J . -5.36 10.58 9.25
O3 SO4 J . -5.38 11.67 11.41
O4 SO4 J . -7.26 12.05 9.90
S SO4 K . -1.54 4.35 20.70
O1 SO4 K . -0.47 4.40 21.73
O2 SO4 K . -1.41 3.04 19.97
O3 SO4 K . -1.32 5.52 19.79
O4 SO4 K . -2.92 4.48 21.27
S SO4 L . 0.71 10.99 21.07
O1 SO4 L . 2.05 11.05 20.43
O2 SO4 L . 0.08 9.68 20.78
O3 SO4 L . 0.88 11.18 22.54
O4 SO4 L . -0.19 12.07 20.53
S SO4 M . -13.22 -19.37 -0.31
O1 SO4 M . -11.81 -19.87 -0.42
O2 SO4 M . -13.66 -18.72 -1.58
O3 SO4 M . -13.34 -18.37 0.78
O4 SO4 M . -14.10 -20.53 -0.05
#